data_3MUD
#
_entry.id   3MUD
#
_cell.length_a   96.564
_cell.length_b   96.564
_cell.length_c   162.993
_cell.angle_alpha   90.00
_cell.angle_beta   90.00
_cell.angle_gamma   90.00
#
_symmetry.space_group_name_H-M   'P 41 21 2'
#
loop_
_entity.id
_entity.type
_entity.pdbx_description
1 polymer 'DNA repair protein XRCC4,Tropomyosin alpha-1 chain'
2 polymer 'Tropomyosin alpha-1 chain,Microtubule-associated protein RP/EB family member 1'
3 non-polymer 1,2-ETHANEDIOL
4 non-polymer 'SULFATE ION'
5 water water
#
loop_
_entity_poly.entity_id
_entity_poly.type
_entity_poly.pdbx_seq_one_letter_code
_entity_poly.pdbx_strand_id
1 'polypeptide(L)'
;GGSGERKISRIHLVSEPSITHFLQVSWEKTLESGFVITLTDGHSAWTGTVSESEISQEADDMAMEKGKYVGELRKALLSG
AGPADVYTFNFSKESCYFFFEKNLKDVSFRLGSFNLEKVENPAEVIRELICYCLDTTAKNEKSIDDLEEKVAHAKEENLN
MHQMLDQTLLELNNM
;
A,B
2 'polypeptide(L)' GASMDAIKKKMQMLKLDKENALDRAEQAEADKDFYFGKLRNIELICQENEGENDPVLQRIVDILYATDEGFVIPD C,D
#
loop_
_chem_comp.id
_chem_comp.type
_chem_comp.name
_chem_comp.formula
EDO non-polymer 1,2-ETHANEDIOL 'C2 H6 O2'
SO4 non-polymer 'SULFATE ION' 'O4 S -2'
#
# COMPACT_ATOMS: atom_id res chain seq x y z
N SER A 3 4.57 5.48 -21.44
CA SER A 3 5.53 6.25 -22.28
C SER A 3 5.88 7.60 -21.66
N GLY A 4 4.85 8.41 -21.39
CA GLY A 4 5.03 9.76 -20.88
C GLY A 4 4.58 9.95 -19.45
N GLU A 5 4.92 11.11 -18.88
CA GLU A 5 4.53 11.44 -17.51
C GLU A 5 3.89 12.82 -17.45
N ARG A 6 3.22 13.11 -16.34
CA ARG A 6 2.63 14.42 -16.13
C ARG A 6 2.65 14.75 -14.66
N LYS A 7 2.50 16.03 -14.37
CA LYS A 7 2.33 16.51 -13.01
C LYS A 7 1.29 17.61 -13.05
N ILE A 8 0.31 17.48 -12.17
CA ILE A 8 -0.69 18.52 -12.00
C ILE A 8 -0.39 19.22 -10.69
N SER A 9 -0.32 20.53 -10.71
CA SER A 9 0.02 21.27 -9.50
C SER A 9 -0.81 22.54 -9.42
N ARG A 10 -0.96 23.07 -8.21
CA ARG A 10 -1.71 24.30 -7.99
C ARG A 10 -0.77 25.51 -7.99
N ILE A 11 -1.21 26.58 -8.63
CA ILE A 11 -0.49 27.85 -8.56
C ILE A 11 -1.48 28.97 -8.37
N HIS A 12 -0.97 30.09 -7.90
CA HIS A 12 -1.74 31.33 -7.88
C HIS A 12 -1.10 32.30 -8.85
N LEU A 13 -1.91 32.90 -9.71
CA LEU A 13 -1.42 33.95 -10.58
C LEU A 13 -1.33 35.27 -9.84
N VAL A 14 -0.30 36.04 -10.15
CA VAL A 14 -0.13 37.38 -9.58
C VAL A 14 -1.41 38.24 -9.76
N SER A 15 -2.02 38.17 -10.95
CA SER A 15 -3.23 38.98 -11.26
C SER A 15 -4.54 38.44 -10.65
N GLU A 16 -4.55 37.15 -10.29
CA GLU A 16 -5.75 36.55 -9.68
C GLU A 16 -5.42 35.81 -8.40
N PRO A 17 -5.02 36.56 -7.35
CA PRO A 17 -4.51 35.95 -6.13
C PRO A 17 -5.54 35.14 -5.34
N SER A 18 -6.83 35.45 -5.52
CA SER A 18 -7.89 34.86 -4.69
C SER A 18 -8.37 33.46 -5.15
N ILE A 19 -7.95 33.02 -6.33
CA ILE A 19 -8.33 31.67 -6.77
C ILE A 19 -7.15 30.80 -7.18
N THR A 20 -7.39 29.50 -7.21
CA THR A 20 -6.37 28.52 -7.55
C THR A 20 -6.48 28.20 -9.02
N HIS A 21 -5.37 28.28 -9.74
CA HIS A 21 -5.29 27.73 -11.10
C HIS A 21 -4.53 26.42 -11.02
N PHE A 22 -4.64 25.62 -12.07
CA PHE A 22 -3.91 24.38 -12.13
C PHE A 22 -2.96 24.42 -13.30
N LEU A 23 -1.74 23.93 -13.06
CA LEU A 23 -0.78 23.72 -14.12
C LEU A 23 -0.71 22.23 -14.35
N GLN A 24 -0.82 21.83 -15.61
CA GLN A 24 -0.65 20.44 -15.96
C GLN A 24 0.49 20.39 -16.94
N VAL A 25 1.54 19.67 -16.54
CA VAL A 25 2.77 19.61 -17.33
C VAL A 25 3.02 18.16 -17.69
N SER A 26 3.32 17.90 -18.96
CA SER A 26 3.59 16.54 -19.39
C SER A 26 4.82 16.50 -20.27
N TRP A 27 5.56 15.39 -20.16
CA TRP A 27 6.85 15.24 -20.82
C TRP A 27 7.09 13.74 -21.05
N GLU A 28 8.15 13.41 -21.78
CA GLU A 28 8.39 12.04 -22.23
C GLU A 28 9.28 11.24 -21.27
N LYS A 29 10.49 11.74 -21.03
CA LYS A 29 11.45 11.07 -20.13
C LYS A 29 12.01 12.09 -19.14
N THR A 30 12.42 13.23 -19.70
CA THR A 30 12.90 14.36 -18.92
C THR A 30 12.25 15.63 -19.46
N LEU A 31 12.13 16.64 -18.60
CA LEU A 31 11.62 17.95 -18.96
C LEU A 31 12.53 18.63 -19.98
N GLU A 32 13.81 18.33 -19.90
CA GLU A 32 14.84 18.88 -20.78
C GLU A 32 14.55 18.66 -22.27
N SER A 33 13.95 17.52 -22.60
CA SER A 33 13.66 17.20 -23.98
C SER A 33 12.35 17.85 -24.49
N GLY A 34 11.76 18.74 -23.69
CA GLY A 34 10.51 19.41 -24.06
C GLY A 34 9.32 18.99 -23.22
N PHE A 35 8.29 19.83 -23.19
CA PHE A 35 7.07 19.54 -22.45
C PHE A 35 5.84 20.28 -22.98
N VAL A 36 4.67 19.76 -22.64
CA VAL A 36 3.38 20.43 -22.89
C VAL A 36 2.93 20.99 -21.56
N ILE A 37 2.52 22.26 -21.57
CA ILE A 37 2.05 22.88 -20.36
C ILE A 37 0.63 23.38 -20.58
N THR A 38 -0.26 23.03 -19.65
CA THR A 38 -1.65 23.50 -19.69
C THR A 38 -1.95 24.22 -18.39
N LEU A 39 -2.58 25.39 -18.53
CA LEU A 39 -3.15 26.14 -17.43
C LEU A 39 -4.68 26.06 -17.51
N THR A 40 -5.33 25.84 -16.37
CA THR A 40 -6.79 25.87 -16.34
C THR A 40 -7.33 26.50 -15.06
N ASP A 41 -8.48 27.18 -15.20
CA ASP A 41 -9.18 27.77 -14.07
C ASP A 41 -10.44 26.96 -13.78
N GLY A 42 -10.50 25.77 -14.34
CA GLY A 42 -11.67 24.92 -14.17
C GLY A 42 -12.83 25.24 -15.09
N HIS A 43 -12.61 26.16 -16.03
CA HIS A 43 -13.62 26.45 -17.04
C HIS A 43 -13.01 26.57 -18.44
N SER A 44 -11.97 27.37 -18.57
CA SER A 44 -11.19 27.43 -19.82
C SER A 44 -9.87 26.69 -19.63
N ALA A 45 -9.19 26.40 -20.74
CA ALA A 45 -7.83 25.87 -20.65
C ALA A 45 -6.95 26.50 -21.72
N TRP A 46 -5.69 26.71 -21.37
CA TRP A 46 -4.71 27.31 -22.27
C TRP A 46 -3.51 26.40 -22.32
N THR A 47 -3.08 26.05 -23.52
CA THR A 47 -2.06 25.05 -23.73
C THR A 47 -0.91 25.56 -24.61
N GLY A 48 0.31 25.20 -24.24
CA GLY A 48 1.49 25.52 -25.03
C GLY A 48 2.47 24.38 -25.01
N THR A 49 3.37 24.39 -25.99
CA THR A 49 4.40 23.37 -26.15
C THR A 49 5.76 24.05 -26.13
N VAL A 50 6.65 23.54 -25.28
CA VAL A 50 8.00 24.08 -25.15
C VAL A 50 9.01 23.07 -25.72
N SER A 51 9.90 23.52 -26.58
CA SER A 51 10.83 22.61 -27.25
C SER A 51 12.15 22.49 -26.50
N GLU A 52 12.87 21.40 -26.76
CA GLU A 52 14.20 21.19 -26.19
C GLU A 52 15.10 22.40 -26.51
N SER A 53 15.00 22.85 -27.75
CA SER A 53 15.80 23.96 -28.26
C SER A 53 15.50 25.27 -27.53
N GLU A 54 14.22 25.51 -27.26
CA GLU A 54 13.78 26.69 -26.52
C GLU A 54 14.33 26.71 -25.08
N ILE A 55 14.34 25.55 -24.44
CA ILE A 55 14.89 25.41 -23.08
C ILE A 55 16.39 25.73 -23.04
N SER A 56 17.15 25.19 -24.00
CA SER A 56 18.60 25.43 -24.12
C SER A 56 18.91 26.90 -24.42
N GLN A 57 18.10 27.51 -25.28
CA GLN A 57 18.28 28.92 -25.60
C GLN A 57 18.10 29.78 -24.35
N GLU A 58 17.07 29.50 -23.57
CA GLU A 58 16.83 30.23 -22.33
C GLU A 58 17.99 30.10 -21.35
N ALA A 59 18.44 28.87 -21.09
CA ALA A 59 19.57 28.64 -20.19
C ALA A 59 20.79 29.44 -20.65
N ASP A 60 21.01 29.45 -21.97
CA ASP A 60 22.10 30.20 -22.57
C ASP A 60 21.95 31.72 -22.36
N ASP A 61 20.76 32.24 -22.65
CA ASP A 61 20.49 33.68 -22.54
C ASP A 61 20.64 34.21 -21.11
N MET A 62 20.28 33.39 -20.13
CA MET A 62 20.41 33.75 -18.72
C MET A 62 21.78 33.42 -18.13
N ALA A 63 22.69 32.93 -18.98
CA ALA A 63 24.01 32.45 -18.56
C ALA A 63 23.92 31.46 -17.39
N MET A 64 22.97 30.55 -17.46
CA MET A 64 22.81 29.55 -16.42
C MET A 64 23.16 28.17 -16.96
N GLU A 65 23.92 27.40 -16.18
CA GLU A 65 24.29 26.03 -16.53
C GLU A 65 23.03 25.21 -16.81
N LYS A 66 23.06 24.44 -17.90
CA LYS A 66 21.89 23.74 -18.43
C LYS A 66 21.14 22.92 -17.38
N GLY A 67 21.87 22.05 -16.69
CA GLY A 67 21.32 21.18 -15.65
C GLY A 67 20.67 21.97 -14.53
N LYS A 68 21.32 23.06 -14.13
CA LYS A 68 20.76 23.98 -13.13
C LYS A 68 19.44 24.58 -13.60
N TYR A 69 19.40 25.05 -14.86
CA TYR A 69 18.19 25.67 -15.38
C TYR A 69 17.02 24.69 -15.45
N VAL A 70 17.30 23.48 -15.94
CA VAL A 70 16.31 22.39 -15.98
C VAL A 70 15.81 22.07 -14.56
N GLY A 71 16.73 22.07 -13.60
CA GLY A 71 16.37 21.89 -12.18
C GLY A 71 15.40 22.95 -11.68
N GLU A 72 15.67 24.20 -12.06
CA GLU A 72 14.79 25.32 -11.75
C GLU A 72 13.38 25.16 -12.38
N LEU A 73 13.33 24.68 -13.62
CA LEU A 73 12.05 24.42 -14.29
C LEU A 73 11.29 23.32 -13.54
N ARG A 74 11.99 22.26 -13.14
CA ARG A 74 11.37 21.19 -12.38
C ARG A 74 10.76 21.70 -11.09
N LYS A 75 11.50 22.53 -10.35
CA LYS A 75 11.04 23.03 -9.05
C LYS A 75 9.83 23.97 -9.19
N ALA A 76 9.92 24.88 -10.16
CA ALA A 76 8.86 25.85 -10.42
C ALA A 76 7.59 25.21 -10.99
N LEU A 77 7.77 24.30 -11.94
CA LEU A 77 6.61 23.86 -12.72
C LEU A 77 6.02 22.56 -12.22
N LEU A 78 6.83 21.78 -11.48
CA LEU A 78 6.39 20.48 -10.98
C LEU A 78 6.24 20.46 -9.46
N SER A 79 6.03 21.64 -8.86
CA SER A 79 5.80 21.77 -7.42
C SER A 79 6.93 21.11 -6.61
N GLY A 80 8.17 21.50 -6.91
CA GLY A 80 9.34 20.96 -6.22
C GLY A 80 10.23 22.01 -5.56
N ALA A 81 9.66 23.17 -5.27
CA ALA A 81 10.41 24.27 -4.64
C ALA A 81 10.98 23.85 -3.29
N GLY A 82 12.25 24.17 -3.07
CA GLY A 82 12.88 24.00 -1.77
C GLY A 82 12.67 25.26 -0.92
N PRO A 83 13.20 25.26 0.32
CA PRO A 83 12.95 26.34 1.28
C PRO A 83 13.31 27.73 0.75
N ALA A 84 14.41 27.82 0.00
CA ALA A 84 14.86 29.09 -0.54
C ALA A 84 14.28 29.44 -1.92
N ASP A 85 13.40 28.58 -2.46
CA ASP A 85 12.88 28.79 -3.81
C ASP A 85 11.48 29.41 -3.81
N VAL A 86 11.39 30.67 -4.22
CA VAL A 86 10.11 31.38 -4.22
C VAL A 86 9.76 31.80 -5.66
N TYR A 87 8.70 31.20 -6.19
CA TYR A 87 8.30 31.47 -7.57
C TYR A 87 6.98 32.23 -7.64
N THR A 88 6.91 33.22 -8.55
CA THR A 88 5.65 33.92 -8.82
C THR A 88 5.26 33.68 -10.27
N PHE A 89 3.97 33.51 -10.50
CA PHE A 89 3.45 33.09 -11.81
C PHE A 89 2.51 34.16 -12.36
N ASN A 90 2.64 34.39 -13.67
CA ASN A 90 1.90 35.46 -14.34
C ASN A 90 1.31 34.93 -15.61
N PHE A 91 0.05 35.28 -15.84
CA PHE A 91 -0.60 34.95 -17.11
C PHE A 91 -1.59 36.04 -17.47
N SER A 92 -1.50 36.53 -18.71
CA SER A 92 -2.54 37.38 -19.28
C SER A 92 -3.47 36.53 -20.13
N LYS A 93 -4.76 36.59 -19.84
CA LYS A 93 -5.75 35.86 -20.63
C LYS A 93 -6.13 36.59 -21.94
N GLU A 94 -5.59 37.79 -22.10
CA GLU A 94 -5.72 38.56 -23.35
C GLU A 94 -4.64 38.16 -24.35
N SER A 95 -3.38 38.28 -23.95
CA SER A 95 -2.26 38.01 -24.83
C SER A 95 -1.87 36.55 -24.80
N CYS A 96 -2.31 35.85 -23.74
CA CYS A 96 -1.96 34.44 -23.53
C CYS A 96 -0.45 34.23 -23.29
N TYR A 97 0.21 35.30 -22.84
CA TYR A 97 1.61 35.25 -22.42
C TYR A 97 1.71 34.82 -20.96
N PHE A 98 2.43 33.73 -20.73
CA PHE A 98 2.72 33.20 -19.40
C PHE A 98 4.18 33.46 -19.08
N PHE A 99 4.47 33.97 -17.88
CA PHE A 99 5.87 34.11 -17.43
C PHE A 99 5.96 33.93 -15.94
N PHE A 100 7.11 33.44 -15.49
CA PHE A 100 7.33 33.21 -14.08
C PHE A 100 8.74 33.63 -13.68
N GLU A 101 8.84 34.10 -12.45
CA GLU A 101 10.08 34.67 -11.93
C GLU A 101 10.44 33.95 -10.66
N LYS A 102 11.74 33.92 -10.37
CA LYS A 102 12.22 33.47 -9.08
C LYS A 102 12.50 34.74 -8.28
N ASN A 103 12.09 34.73 -7.02
CA ASN A 103 12.20 35.91 -6.19
C ASN A 103 13.28 35.78 -5.13
N LEU A 104 14.23 36.71 -5.16
CA LEU A 104 15.39 36.64 -4.27
C LEU A 104 15.22 37.74 -3.21
N LYS A 105 16.23 37.95 -2.39
CA LYS A 105 16.17 38.93 -1.30
C LYS A 105 15.47 40.24 -1.70
N ASP A 106 16.11 41.01 -2.58
CA ASP A 106 15.59 42.33 -2.98
C ASP A 106 15.08 42.39 -4.42
N VAL A 107 15.47 41.42 -5.24
CA VAL A 107 15.20 41.44 -6.68
C VAL A 107 14.65 40.09 -7.16
N SER A 108 14.17 40.07 -8.40
CA SER A 108 13.62 38.89 -9.02
C SER A 108 14.28 38.69 -10.39
N PHE A 109 14.23 37.47 -10.91
CA PHE A 109 14.64 37.25 -12.29
C PHE A 109 13.69 36.29 -12.99
N ARG A 110 13.51 36.54 -14.27
CA ARG A 110 12.57 35.81 -15.11
C ARG A 110 13.19 34.44 -15.35
N LEU A 111 12.44 33.39 -15.06
CA LEU A 111 12.96 32.03 -15.22
C LEU A 111 12.43 31.36 -16.47
N GLY A 112 11.24 31.77 -16.92
CA GLY A 112 10.69 31.23 -18.15
C GLY A 112 9.47 31.99 -18.62
N SER A 113 9.13 31.80 -19.89
CA SER A 113 8.05 32.49 -20.58
C SER A 113 7.47 31.54 -21.63
N PHE A 114 6.13 31.48 -21.73
CA PHE A 114 5.44 30.66 -22.73
C PHE A 114 4.26 31.43 -23.30
N ASN A 115 3.94 31.20 -24.57
CA ASN A 115 2.65 31.57 -25.13
C ASN A 115 1.74 30.33 -25.01
N LEU A 116 0.61 30.48 -24.34
CA LEU A 116 -0.32 29.36 -24.12
C LEU A 116 -1.68 29.65 -24.74
N GLU A 117 -1.94 29.05 -25.91
CA GLU A 117 -3.20 29.22 -26.65
C GLU A 117 -4.43 28.63 -25.97
N LYS A 118 -5.50 29.41 -25.95
CA LYS A 118 -6.80 28.94 -25.48
C LYS A 118 -7.29 27.78 -26.34
N VAL A 119 -7.64 26.67 -25.70
CA VAL A 119 -8.09 25.49 -26.44
C VAL A 119 -9.56 25.60 -26.81
N GLU A 120 -9.94 24.90 -27.88
CA GLU A 120 -11.34 24.80 -28.32
C GLU A 120 -12.12 23.71 -27.56
N ASN A 121 -11.43 22.82 -26.83
CA ASN A 121 -12.08 21.71 -26.11
C ASN A 121 -11.87 21.77 -24.58
N PRO A 122 -12.21 22.91 -23.95
CA PRO A 122 -11.89 23.02 -22.51
C PRO A 122 -12.59 21.96 -21.66
N ALA A 123 -13.86 21.69 -21.93
CA ALA A 123 -14.58 20.69 -21.14
C ALA A 123 -13.93 19.32 -21.26
N GLU A 124 -13.55 18.94 -22.48
CA GLU A 124 -12.83 17.68 -22.68
C GLU A 124 -11.49 17.64 -21.93
N VAL A 125 -10.73 18.74 -21.97
CA VAL A 125 -9.46 18.83 -21.22
C VAL A 125 -9.69 18.70 -19.72
N ILE A 126 -10.72 19.39 -19.22
CA ILE A 126 -11.04 19.34 -17.79
C ILE A 126 -11.45 17.93 -17.37
N ARG A 127 -12.27 17.29 -18.18
CA ARG A 127 -12.71 15.92 -17.88
C ARG A 127 -11.55 14.95 -17.89
N GLU A 128 -10.64 15.11 -18.84
CA GLU A 128 -9.49 14.21 -18.96
C GLU A 128 -8.58 14.40 -17.75
N LEU A 129 -8.44 15.64 -17.32
CA LEU A 129 -7.62 15.92 -16.14
C LEU A 129 -8.19 15.22 -14.88
N ILE A 130 -9.51 15.26 -14.73
CA ILE A 130 -10.18 14.65 -13.58
C ILE A 130 -10.05 13.12 -13.66
N CYS A 131 -10.26 12.57 -14.84
CA CYS A 131 -10.08 11.14 -15.10
C CYS A 131 -8.68 10.67 -14.68
N TYR A 132 -7.68 11.46 -15.07
CA TYR A 132 -6.31 11.17 -14.67
C TYR A 132 -6.17 11.16 -13.15
N CYS A 133 -6.78 12.14 -12.47
CA CYS A 133 -6.71 12.16 -11.00
C CYS A 133 -7.38 10.93 -10.43
N LEU A 134 -8.52 10.53 -11.01
CA LEU A 134 -9.26 9.38 -10.50
C LEU A 134 -8.53 8.06 -10.77
N ASP A 135 -7.93 7.94 -11.95
CA ASP A 135 -7.08 6.78 -12.29
C ASP A 135 -5.85 6.71 -11.39
N THR A 136 -5.24 7.86 -11.12
CA THR A 136 -4.08 7.93 -10.21
C THR A 136 -4.49 7.45 -8.81
N THR A 137 -5.64 7.90 -8.33
CA THR A 137 -6.15 7.46 -7.03
C THR A 137 -6.44 5.95 -6.97
N ALA A 138 -7.06 5.40 -8.02
CA ALA A 138 -7.28 3.95 -8.09
C ALA A 138 -5.95 3.18 -8.02
N LYS A 139 -4.97 3.63 -8.80
CA LYS A 139 -3.64 3.04 -8.82
C LYS A 139 -2.93 3.14 -7.47
N ASN A 140 -3.00 4.31 -6.83
CA ASN A 140 -2.41 4.51 -5.50
C ASN A 140 -3.07 3.67 -4.40
N GLU A 141 -4.40 3.51 -4.49
CA GLU A 141 -5.13 2.66 -3.54
C GLU A 141 -4.74 1.20 -3.69
N LYS A 142 -4.57 0.76 -4.94
CA LYS A 142 -4.08 -0.59 -5.22
C LYS A 142 -2.66 -0.78 -4.67
N SER A 143 -1.81 0.23 -4.84
CA SER A 143 -0.44 0.18 -4.34
C SER A 143 -0.44 0.05 -2.83
N ILE A 144 -1.33 0.78 -2.18
CA ILE A 144 -1.46 0.76 -0.73
C ILE A 144 -1.91 -0.64 -0.25
N ASP A 145 -2.84 -1.25 -0.97
CA ASP A 145 -3.29 -2.61 -0.63
C ASP A 145 -2.17 -3.64 -0.81
N ASP A 146 -1.46 -3.57 -1.93
CA ASP A 146 -0.30 -4.44 -2.21
C ASP A 146 0.78 -4.33 -1.14
N LEU A 147 1.06 -3.10 -0.71
CA LEU A 147 2.08 -2.85 0.30
C LEU A 147 1.65 -3.37 1.66
N GLU A 148 0.38 -3.14 2.00
CA GLU A 148 -0.21 -3.66 3.25
C GLU A 148 -0.12 -5.19 3.33
N GLU A 149 -0.34 -5.86 2.20
CA GLU A 149 -0.21 -7.31 2.15
C GLU A 149 1.26 -7.76 2.17
N LYS A 150 2.17 -6.92 1.68
CA LYS A 150 3.60 -7.17 1.84
C LYS A 150 4.02 -7.10 3.31
N VAL A 151 3.48 -6.11 4.03
CA VAL A 151 3.73 -5.97 5.47
C VAL A 151 3.23 -7.23 6.21
N ALA A 152 2.05 -7.72 5.81
CA ALA A 152 1.42 -8.85 6.48
C ALA A 152 2.19 -10.14 6.21
N HIS A 153 2.64 -10.30 4.98
CA HIS A 153 3.46 -11.44 4.59
C HIS A 153 4.79 -11.50 5.36
N ALA A 154 5.47 -10.36 5.49
CA ALA A 154 6.75 -10.32 6.19
C ALA A 154 6.57 -10.52 7.69
N LYS A 155 5.50 -9.94 8.24
CA LYS A 155 5.08 -10.19 9.63
C LYS A 155 4.84 -11.67 9.91
N GLU A 156 4.17 -12.36 9.00
CA GLU A 156 3.85 -13.77 9.17
C GLU A 156 5.11 -14.63 9.00
N GLU A 157 5.97 -14.26 8.06
CA GLU A 157 7.26 -14.93 7.90
C GLU A 157 8.06 -14.84 9.20
N ASN A 158 8.05 -13.66 9.81
CA ASN A 158 8.72 -13.46 11.08
C ASN A 158 8.09 -14.31 12.18
N LEU A 159 6.77 -14.27 12.28
CA LEU A 159 6.04 -15.06 13.26
C LEU A 159 6.39 -16.56 13.15
N ASN A 160 6.33 -17.09 11.93
CA ASN A 160 6.62 -18.50 11.66
C ASN A 160 7.98 -18.97 12.15
N MET A 161 9.01 -18.13 11.95
CA MET A 161 10.35 -18.42 12.44
C MET A 161 10.39 -18.52 13.96
N HIS A 162 9.72 -17.59 14.63
CA HIS A 162 9.64 -17.59 16.10
C HIS A 162 8.83 -18.77 16.62
N GLN A 163 7.75 -19.11 15.92
CA GLN A 163 6.96 -20.29 16.29
C GLN A 163 7.82 -21.55 16.18
N MET A 164 8.63 -21.64 15.12
CA MET A 164 9.53 -22.77 14.93
C MET A 164 10.54 -22.87 16.07
N LEU A 165 11.13 -21.74 16.46
CA LEU A 165 12.06 -21.71 17.59
C LEU A 165 11.42 -22.15 18.91
N ASP A 166 10.22 -21.63 19.19
CA ASP A 166 9.48 -21.98 20.42
C ASP A 166 9.09 -23.46 20.51
N GLN A 167 8.63 -24.03 19.41
CA GLN A 167 8.27 -25.43 19.35
C GLN A 167 9.52 -26.31 19.47
N THR A 168 10.62 -25.87 18.87
CA THR A 168 11.88 -26.60 18.93
C THR A 168 12.35 -26.68 20.39
N LEU A 169 12.39 -25.52 21.06
CA LEU A 169 12.80 -25.44 22.45
C LEU A 169 11.92 -26.32 23.33
N LEU A 170 10.60 -26.24 23.10
CA LEU A 170 9.63 -27.08 23.79
C LEU A 170 10.01 -28.56 23.68
N GLU A 171 10.27 -29.01 22.45
CA GLU A 171 10.55 -30.41 22.19
C GLU A 171 11.88 -30.80 22.80
N LEU A 172 12.88 -29.91 22.66
CA LEU A 172 14.19 -30.14 23.29
C LEU A 172 14.06 -30.28 24.81
N ASN A 173 13.18 -29.48 25.41
CA ASN A 173 12.97 -29.54 26.87
C ASN A 173 12.24 -30.80 27.32
N ASN A 174 11.69 -31.54 26.36
CA ASN A 174 10.98 -32.79 26.67
C ASN A 174 11.76 -34.08 26.38
N MET A 175 13.01 -33.95 25.95
CA MET A 175 13.85 -35.12 25.63
C MET A 175 15.11 -35.15 26.50
N SER B 3 -13.78 15.32 9.36
CA SER B 3 -15.23 15.31 9.72
C SER B 3 -16.09 14.71 8.61
N GLY B 4 -16.14 15.39 7.46
CA GLY B 4 -16.97 14.97 6.32
C GLY B 4 -16.22 14.16 5.28
N GLU B 5 -16.96 13.34 4.54
CA GLU B 5 -16.37 12.47 3.52
C GLU B 5 -17.02 12.68 2.15
N ARG B 6 -16.32 12.26 1.10
CA ARG B 6 -16.89 12.30 -0.25
C ARG B 6 -16.34 11.16 -1.11
N LYS B 7 -17.02 10.94 -2.24
CA LYS B 7 -16.55 10.06 -3.30
C LYS B 7 -16.86 10.73 -4.63
N ILE B 8 -15.87 10.73 -5.52
CA ILE B 8 -16.03 11.21 -6.88
C ILE B 8 -15.92 10.01 -7.81
N SER B 9 -16.90 9.84 -8.68
CA SER B 9 -16.97 8.69 -9.58
C SER B 9 -17.29 9.12 -11.00
N ARG B 10 -16.77 8.37 -11.95
CA ARG B 10 -17.20 8.49 -13.33
C ARG B 10 -18.53 7.80 -13.51
N ILE B 11 -19.43 8.44 -14.26
CA ILE B 11 -20.68 7.77 -14.62
C ILE B 11 -21.04 8.09 -16.07
N HIS B 12 -21.81 7.19 -16.66
CA HIS B 12 -22.42 7.40 -17.95
C HIS B 12 -23.92 7.61 -17.83
N LEU B 13 -24.40 8.70 -18.42
CA LEU B 13 -25.82 8.96 -18.54
C LEU B 13 -26.38 8.33 -19.81
N VAL B 14 -27.54 7.70 -19.68
CA VAL B 14 -28.25 7.12 -20.84
C VAL B 14 -28.57 8.20 -21.89
N SER B 15 -28.90 9.39 -21.41
CA SER B 15 -29.14 10.56 -22.26
C SER B 15 -27.90 10.95 -23.07
N GLU B 16 -26.76 11.08 -22.39
CA GLU B 16 -25.51 11.57 -23.00
C GLU B 16 -24.43 10.47 -22.99
N PRO B 17 -24.58 9.42 -23.81
CA PRO B 17 -23.68 8.27 -23.69
C PRO B 17 -22.26 8.44 -24.27
N SER B 18 -22.07 9.43 -25.14
CA SER B 18 -20.77 9.60 -25.81
C SER B 18 -19.67 10.07 -24.85
N ILE B 19 -20.02 10.87 -23.85
CA ILE B 19 -19.03 11.40 -22.91
C ILE B 19 -19.20 10.89 -21.48
N THR B 20 -18.11 11.01 -20.71
CA THR B 20 -18.07 10.63 -19.32
C THR B 20 -18.51 11.81 -18.46
N HIS B 21 -19.42 11.57 -17.53
CA HIS B 21 -19.75 12.57 -16.54
C HIS B 21 -19.12 12.16 -15.21
N PHE B 22 -19.05 13.10 -14.29
CA PHE B 22 -18.58 12.80 -12.93
C PHE B 22 -19.67 13.03 -11.92
N LEU B 23 -19.74 12.14 -10.94
CA LEU B 23 -20.65 12.31 -9.83
C LEU B 23 -19.84 12.51 -8.55
N GLN B 24 -20.15 13.59 -7.84
CA GLN B 24 -19.49 13.86 -6.56
C GLN B 24 -20.54 13.78 -5.47
N VAL B 25 -20.32 12.89 -4.52
CA VAL B 25 -21.25 12.65 -3.43
C VAL B 25 -20.53 12.87 -2.11
N SER B 26 -21.13 13.65 -1.22
CA SER B 26 -20.50 13.96 0.06
C SER B 26 -21.50 13.86 1.19
N TRP B 27 -21.03 13.38 2.34
CA TRP B 27 -21.88 13.14 3.48
C TRP B 27 -21.11 13.45 4.75
N GLU B 28 -21.78 13.37 5.89
CA GLU B 28 -21.16 13.76 7.16
C GLU B 28 -20.48 12.58 7.86
N LYS B 29 -21.27 11.58 8.26
CA LYS B 29 -20.74 10.41 8.96
C LYS B 29 -21.07 9.13 8.22
N THR B 30 -22.33 9.01 7.80
CA THR B 30 -22.77 7.92 6.95
C THR B 30 -23.69 8.52 5.89
N LEU B 31 -23.88 7.81 4.80
CA LEU B 31 -24.78 8.25 3.72
C LEU B 31 -26.23 8.39 4.19
N GLU B 32 -26.60 7.62 5.21
CA GLU B 32 -27.97 7.56 5.75
C GLU B 32 -28.52 8.90 6.25
N SER B 33 -27.66 9.75 6.80
CA SER B 33 -28.08 11.02 7.40
C SER B 33 -28.21 12.15 6.38
N GLY B 34 -28.11 11.79 5.11
CA GLY B 34 -28.24 12.75 4.03
C GLY B 34 -26.94 12.95 3.27
N PHE B 35 -27.06 13.43 2.05
CA PHE B 35 -25.88 13.70 1.22
C PHE B 35 -26.10 14.84 0.24
N VAL B 36 -24.98 15.38 -0.23
CA VAL B 36 -24.97 16.34 -1.30
C VAL B 36 -24.45 15.59 -2.52
N ILE B 37 -25.13 15.80 -3.65
CA ILE B 37 -24.78 15.13 -4.89
C ILE B 37 -24.64 16.14 -6.03
N THR B 38 -23.49 16.08 -6.70
CA THR B 38 -23.18 16.98 -7.80
C THR B 38 -22.81 16.20 -9.07
N LEU B 39 -23.42 16.60 -10.18
CA LEU B 39 -23.09 16.07 -11.50
C LEU B 39 -22.40 17.17 -12.28
N THR B 40 -21.37 16.79 -13.06
CA THR B 40 -20.69 17.72 -13.97
C THR B 40 -20.20 17.06 -15.26
N ASP B 41 -20.14 17.85 -16.33
CA ASP B 41 -19.58 17.40 -17.61
C ASP B 41 -18.30 18.19 -17.92
N GLY B 42 -17.77 18.86 -16.91
CA GLY B 42 -16.57 19.70 -17.12
C GLY B 42 -16.83 21.11 -17.62
N HIS B 43 -18.11 21.43 -17.87
CA HIS B 43 -18.51 22.79 -18.26
C HIS B 43 -19.54 23.32 -17.28
N SER B 44 -20.61 22.56 -17.09
CA SER B 44 -21.66 22.92 -16.14
C SER B 44 -21.68 21.92 -15.02
N ALA B 45 -22.37 22.28 -13.94
CA ALA B 45 -22.56 21.41 -12.79
C ALA B 45 -23.96 21.60 -12.24
N TRP B 46 -24.52 20.51 -11.73
CA TRP B 46 -25.85 20.48 -11.18
C TRP B 46 -25.72 19.83 -9.81
N THR B 47 -26.35 20.44 -8.81
CA THR B 47 -26.20 20.01 -7.43
C THR B 47 -27.55 19.90 -6.72
N GLY B 48 -27.68 18.86 -5.89
CA GLY B 48 -28.85 18.69 -5.05
C GLY B 48 -28.44 18.09 -3.72
N THR B 49 -29.40 18.10 -2.80
CA THR B 49 -29.24 17.56 -1.47
C THR B 49 -30.38 16.56 -1.22
N VAL B 50 -30.05 15.48 -0.54
CA VAL B 50 -31.05 14.47 -0.16
C VAL B 50 -30.95 14.33 1.35
N SER B 51 -32.05 14.55 2.05
CA SER B 51 -32.06 14.51 3.50
C SER B 51 -32.28 13.09 4.02
N GLU B 52 -32.00 12.91 5.30
CA GLU B 52 -32.24 11.64 6.01
C GLU B 52 -33.65 11.13 5.84
N SER B 53 -34.64 12.01 6.07
CA SER B 53 -36.05 11.61 5.97
C SER B 53 -36.44 11.23 4.53
N GLU B 54 -35.90 11.96 3.54
CA GLU B 54 -36.15 11.63 2.14
C GLU B 54 -35.63 10.23 1.77
N ILE B 55 -34.48 9.86 2.33
CA ILE B 55 -33.90 8.53 2.13
C ILE B 55 -34.81 7.45 2.74
N SER B 56 -35.24 7.68 3.98
CA SER B 56 -36.13 6.75 4.70
C SER B 56 -37.49 6.58 4.04
N GLN B 57 -37.99 7.67 3.43
CA GLN B 57 -39.28 7.66 2.74
C GLN B 57 -39.19 6.87 1.43
N GLU B 58 -38.09 7.06 0.71
CA GLU B 58 -37.87 6.34 -0.55
C GLU B 58 -37.82 4.83 -0.30
N ALA B 59 -37.11 4.42 0.75
CA ALA B 59 -37.03 3.02 1.13
C ALA B 59 -38.43 2.46 1.38
N ASP B 60 -39.19 3.17 2.20
CA ASP B 60 -40.54 2.75 2.57
C ASP B 60 -41.51 2.73 1.38
N ASP B 61 -41.42 3.74 0.50
CA ASP B 61 -42.26 3.80 -0.70
C ASP B 61 -42.08 2.60 -1.62
N MET B 62 -40.83 2.15 -1.73
CA MET B 62 -40.44 1.02 -2.56
C MET B 62 -40.66 -0.32 -1.88
N ALA B 63 -40.92 -0.28 -0.57
CA ALA B 63 -40.97 -1.46 0.31
C ALA B 63 -39.67 -2.25 0.34
N MET B 64 -38.54 -1.55 0.41
CA MET B 64 -37.23 -2.17 0.65
C MET B 64 -36.80 -1.84 2.08
N GLU B 65 -36.27 -2.84 2.78
CA GLU B 65 -35.73 -2.67 4.13
C GLU B 65 -34.67 -1.54 4.16
N LYS B 66 -34.66 -0.77 5.24
CA LYS B 66 -33.88 0.46 5.34
C LYS B 66 -32.37 0.29 5.17
N GLY B 67 -31.80 -0.73 5.82
CA GLY B 67 -30.39 -1.05 5.70
C GLY B 67 -30.00 -1.45 4.28
N LYS B 68 -30.86 -2.24 3.65
CA LYS B 68 -30.63 -2.68 2.27
C LYS B 68 -30.63 -1.50 1.31
N TYR B 69 -31.59 -0.59 1.49
CA TYR B 69 -31.69 0.59 0.64
C TYR B 69 -30.46 1.48 0.71
N VAL B 70 -29.98 1.73 1.93
CA VAL B 70 -28.75 2.52 2.12
C VAL B 70 -27.57 1.82 1.45
N GLY B 71 -27.48 0.50 1.60
CA GLY B 71 -26.47 -0.30 0.90
C GLY B 71 -26.54 -0.14 -0.61
N GLU B 72 -27.75 -0.06 -1.16
CA GLU B 72 -27.94 0.12 -2.60
C GLU B 72 -27.48 1.50 -3.08
N LEU B 73 -27.71 2.52 -2.26
CA LEU B 73 -27.22 3.85 -2.57
C LEU B 73 -25.68 3.89 -2.61
N ARG B 74 -25.04 3.18 -1.69
CA ARG B 74 -23.57 3.08 -1.69
C ARG B 74 -23.04 2.45 -2.98
N LYS B 75 -23.63 1.32 -3.37
CA LYS B 75 -23.22 0.60 -4.59
C LYS B 75 -23.46 1.44 -5.85
N ALA B 76 -24.63 2.09 -5.90
CA ALA B 76 -25.00 2.90 -7.06
C ALA B 76 -24.24 4.22 -7.14
N LEU B 77 -24.10 4.90 -6.00
CA LEU B 77 -23.64 6.29 -6.01
C LEU B 77 -22.17 6.51 -5.65
N LEU B 78 -21.58 5.52 -4.96
CA LEU B 78 -20.23 5.64 -4.44
C LEU B 78 -19.27 4.71 -5.17
N SER B 79 -19.72 4.18 -6.31
CA SER B 79 -18.94 3.29 -7.15
C SER B 79 -18.56 2.02 -6.38
N GLY B 80 -19.48 1.57 -5.54
CA GLY B 80 -19.25 0.41 -4.67
C GLY B 80 -19.87 -0.88 -5.15
N ALA B 81 -20.39 -0.87 -6.38
CA ALA B 81 -21.04 -2.03 -6.98
C ALA B 81 -20.10 -3.22 -7.09
N GLY B 82 -20.60 -4.40 -6.76
CA GLY B 82 -19.84 -5.64 -6.88
C GLY B 82 -19.78 -6.16 -8.30
N PRO B 83 -19.77 -7.49 -8.48
CA PRO B 83 -19.73 -8.08 -9.83
C PRO B 83 -21.10 -8.18 -10.51
N ALA B 84 -22.14 -8.58 -9.75
CA ALA B 84 -23.46 -8.87 -10.33
C ALA B 84 -24.51 -7.78 -10.08
N ASP B 85 -24.06 -6.53 -9.96
CA ASP B 85 -24.96 -5.38 -9.78
C ASP B 85 -24.74 -4.33 -10.87
N VAL B 86 -25.82 -3.96 -11.56
CA VAL B 86 -25.74 -2.97 -12.63
C VAL B 86 -26.70 -1.81 -12.36
N TYR B 87 -26.15 -0.60 -12.39
CA TYR B 87 -26.91 0.62 -12.18
C TYR B 87 -26.85 1.52 -13.40
N THR B 88 -28.00 2.05 -13.82
CA THR B 88 -28.06 2.99 -14.95
C THR B 88 -28.54 4.37 -14.50
N PHE B 89 -28.00 5.41 -15.11
CA PHE B 89 -28.21 6.77 -14.65
C PHE B 89 -28.81 7.63 -15.75
N ASN B 90 -29.74 8.49 -15.34
CA ASN B 90 -30.48 9.34 -16.26
C ASN B 90 -30.52 10.76 -15.71
N PHE B 91 -30.40 11.74 -16.60
CA PHE B 91 -30.51 13.14 -16.22
C PHE B 91 -31.25 13.91 -17.30
N SER B 92 -32.31 14.59 -16.88
CA SER B 92 -32.99 15.56 -17.72
C SER B 92 -32.48 16.94 -17.35
N LYS B 93 -31.83 17.61 -18.29
CA LYS B 93 -31.41 18.99 -18.08
C LYS B 93 -32.58 19.97 -18.15
N GLU B 94 -33.69 19.54 -18.74
CA GLU B 94 -34.92 20.33 -18.76
C GLU B 94 -35.51 20.45 -17.36
N SER B 95 -35.79 19.32 -16.73
CA SER B 95 -36.41 19.29 -15.41
C SER B 95 -35.41 19.25 -14.26
N CYS B 96 -34.14 19.00 -14.59
CA CYS B 96 -33.06 18.81 -13.59
C CYS B 96 -33.32 17.61 -12.69
N TYR B 97 -33.98 16.61 -13.27
CA TYR B 97 -34.35 15.39 -12.57
C TYR B 97 -33.29 14.35 -12.87
N PHE B 98 -32.68 13.82 -11.80
CA PHE B 98 -31.70 12.76 -11.89
C PHE B 98 -32.36 11.52 -11.33
N PHE B 99 -32.39 10.45 -12.13
CA PHE B 99 -32.94 9.19 -11.63
C PHE B 99 -32.07 8.02 -12.07
N PHE B 100 -31.98 7.03 -11.19
CA PHE B 100 -31.15 5.86 -11.45
C PHE B 100 -31.93 4.61 -11.11
N GLU B 101 -31.56 3.53 -11.78
CA GLU B 101 -32.28 2.27 -11.68
C GLU B 101 -31.30 1.17 -11.37
N LYS B 102 -31.80 0.12 -10.71
CA LYS B 102 -31.05 -1.11 -10.58
C LYS B 102 -31.57 -2.09 -11.62
N ASN B 103 -30.65 -2.65 -12.39
CA ASN B 103 -30.99 -3.58 -13.44
C ASN B 103 -30.65 -5.01 -13.03
N LEU B 104 -31.68 -5.83 -12.89
CA LEU B 104 -31.51 -7.26 -12.61
C LEU B 104 -31.61 -8.01 -13.95
N LYS B 105 -31.50 -9.33 -13.90
CA LYS B 105 -31.42 -10.12 -15.14
C LYS B 105 -32.64 -9.92 -16.04
N ASP B 106 -33.83 -9.94 -15.46
CA ASP B 106 -35.08 -9.89 -16.23
C ASP B 106 -35.92 -8.63 -15.99
N VAL B 107 -35.50 -7.82 -15.03
CA VAL B 107 -36.29 -6.66 -14.62
C VAL B 107 -35.38 -5.56 -14.07
N SER B 108 -35.82 -4.31 -14.18
CA SER B 108 -35.15 -3.21 -13.54
C SER B 108 -36.16 -2.40 -12.72
N PHE B 109 -35.68 -1.63 -11.75
CA PHE B 109 -36.57 -0.76 -10.96
C PHE B 109 -35.85 0.53 -10.56
N ARG B 110 -36.62 1.60 -10.41
CA ARG B 110 -36.07 2.88 -9.99
C ARG B 110 -35.58 2.82 -8.54
N LEU B 111 -34.32 3.16 -8.35
CA LEU B 111 -33.70 3.06 -7.04
C LEU B 111 -33.78 4.39 -6.29
N GLY B 112 -33.81 5.49 -7.04
CA GLY B 112 -33.87 6.82 -6.46
C GLY B 112 -33.95 7.88 -7.54
N SER B 113 -34.30 9.10 -7.11
CA SER B 113 -34.42 10.23 -8.02
C SER B 113 -34.42 11.53 -7.24
N PHE B 114 -33.51 12.42 -7.58
CA PHE B 114 -33.47 13.74 -6.96
C PHE B 114 -33.40 14.86 -7.99
N ASN B 115 -33.78 16.05 -7.56
CA ASN B 115 -33.65 17.22 -8.40
C ASN B 115 -32.31 17.89 -8.13
N LEU B 116 -31.53 18.08 -9.19
CA LEU B 116 -30.22 18.71 -9.10
C LEU B 116 -30.26 20.00 -9.88
N GLU B 117 -30.20 21.14 -9.17
CA GLU B 117 -30.30 22.42 -9.88
C GLU B 117 -28.96 22.91 -10.42
N LYS B 118 -29.04 23.56 -11.58
CA LYS B 118 -27.88 24.06 -12.27
C LYS B 118 -27.19 25.13 -11.45
N VAL B 119 -25.90 24.93 -11.27
CA VAL B 119 -25.06 25.75 -10.43
C VAL B 119 -24.68 27.02 -11.20
N GLU B 120 -24.59 28.14 -10.50
CA GLU B 120 -24.17 29.40 -11.15
C GLU B 120 -22.66 29.57 -11.30
N ASN B 121 -21.90 28.90 -10.44
CA ASN B 121 -20.45 28.94 -10.41
CA ASN B 121 -20.42 28.96 -10.57
C ASN B 121 -19.81 27.56 -10.70
N PRO B 122 -20.02 26.97 -11.90
CA PRO B 122 -19.48 25.61 -12.06
C PRO B 122 -17.94 25.52 -11.96
N ALA B 123 -17.23 26.53 -12.47
CA ALA B 123 -15.76 26.54 -12.41
C ALA B 123 -15.24 26.44 -10.96
N GLU B 124 -15.95 27.11 -10.06
CA GLU B 124 -15.62 27.10 -8.64
C GLU B 124 -15.77 25.69 -8.07
N VAL B 125 -16.85 25.01 -8.44
CA VAL B 125 -17.10 23.64 -8.00
C VAL B 125 -16.03 22.70 -8.54
N ILE B 126 -15.71 22.85 -9.82
CA ILE B 126 -14.67 22.04 -10.48
C ILE B 126 -13.30 22.24 -9.84
N ARG B 127 -12.91 23.50 -9.61
CA ARG B 127 -11.62 23.78 -8.94
C ARG B 127 -11.53 23.08 -7.59
N GLU B 128 -12.61 23.18 -6.81
CA GLU B 128 -12.64 22.65 -5.45
C GLU B 128 -12.53 21.13 -5.54
N LEU B 129 -13.22 20.56 -6.53
CA LEU B 129 -13.17 19.12 -6.78
C LEU B 129 -11.76 18.67 -7.11
N ILE B 130 -11.06 19.44 -7.95
CA ILE B 130 -9.68 19.09 -8.31
C ILE B 130 -8.72 19.26 -7.13
N CYS B 131 -8.89 20.33 -6.35
CA CYS B 131 -8.09 20.51 -5.12
C CYS B 131 -8.24 19.31 -4.20
N TYR B 132 -9.47 18.81 -4.07
CA TYR B 132 -9.71 17.64 -3.24
C TYR B 132 -8.93 16.45 -3.75
N CYS B 133 -8.94 16.25 -5.07
CA CYS B 133 -8.21 15.11 -5.67
C CYS B 133 -6.73 15.22 -5.41
N LEU B 134 -6.18 16.42 -5.56
CA LEU B 134 -4.78 16.66 -5.35
C LEU B 134 -4.35 16.49 -3.87
N ASP B 135 -5.16 17.01 -2.94
CA ASP B 135 -4.94 16.79 -1.50
C ASP B 135 -4.97 15.30 -1.16
N THR B 136 -5.92 14.57 -1.77
CA THR B 136 -6.07 13.14 -1.51
C THR B 136 -4.83 12.41 -1.98
N THR B 137 -4.31 12.84 -3.12
CA THR B 137 -3.14 12.21 -3.71
C THR B 137 -1.87 12.45 -2.89
N ALA B 138 -1.70 13.66 -2.37
CA ALA B 138 -0.57 13.95 -1.46
C ALA B 138 -0.61 13.05 -0.22
N LYS B 139 -1.79 12.87 0.36
CA LYS B 139 -1.97 11.96 1.50
C LYS B 139 -1.65 10.51 1.15
N ASN B 140 -2.18 10.04 0.02
CA ASN B 140 -1.91 8.67 -0.42
C ASN B 140 -0.45 8.42 -0.74
N GLU B 141 0.22 9.43 -1.31
CA GLU B 141 1.65 9.34 -1.59
C GLU B 141 2.49 9.23 -0.31
N LYS B 142 2.06 9.93 0.74
CA LYS B 142 2.69 9.85 2.04
C LYS B 142 2.48 8.44 2.63
N SER B 143 1.25 7.93 2.55
CA SER B 143 0.94 6.58 3.03
C SER B 143 1.77 5.52 2.33
N ILE B 144 1.89 5.62 1.00
CA ILE B 144 2.74 4.71 0.23
C ILE B 144 4.19 4.77 0.71
N ASP B 145 4.74 5.99 0.84
CA ASP B 145 6.10 6.17 1.36
C ASP B 145 6.31 5.50 2.73
N ASP B 146 5.37 5.70 3.65
CA ASP B 146 5.44 5.13 5.00
C ASP B 146 5.42 3.62 4.93
N LEU B 147 4.57 3.08 4.06
CA LEU B 147 4.41 1.64 3.89
C LEU B 147 5.62 0.98 3.26
N GLU B 148 6.19 1.62 2.25
CA GLU B 148 7.43 1.14 1.62
C GLU B 148 8.58 1.08 2.64
N GLU B 149 8.58 2.00 3.59
CA GLU B 149 9.57 2.02 4.67
C GLU B 149 9.32 0.86 5.65
N LYS B 150 8.06 0.61 5.98
CA LYS B 150 7.71 -0.50 6.88
C LYS B 150 8.08 -1.85 6.29
N VAL B 151 7.83 -2.01 4.99
CA VAL B 151 8.19 -3.22 4.26
C VAL B 151 9.71 -3.42 4.24
N ALA B 152 10.46 -2.35 3.93
CA ALA B 152 11.92 -2.40 3.90
C ALA B 152 12.51 -2.86 5.24
N HIS B 153 11.93 -2.34 6.33
CA HIS B 153 12.38 -2.66 7.68
C HIS B 153 12.03 -4.09 8.06
N ALA B 154 10.82 -4.53 7.72
CA ALA B 154 10.39 -5.89 8.03
C ALA B 154 11.22 -6.92 7.26
N LYS B 155 11.52 -6.63 6.00
CA LYS B 155 12.32 -7.51 5.14
C LYS B 155 13.75 -7.64 5.65
N GLU B 156 14.29 -6.53 6.15
CA GLU B 156 15.61 -6.51 6.78
C GLU B 156 15.65 -7.37 8.05
N GLU B 157 14.68 -7.16 8.93
CA GLU B 157 14.55 -7.94 10.15
C GLU B 157 14.49 -9.45 9.86
N ASN B 158 13.82 -9.81 8.77
CA ASN B 158 13.69 -11.22 8.37
C ASN B 158 14.97 -11.82 7.79
N LEU B 159 15.64 -11.06 6.91
CA LEU B 159 16.94 -11.48 6.39
C LEU B 159 17.93 -11.75 7.52
N ASN B 160 18.05 -10.79 8.44
CA ASN B 160 18.92 -10.91 9.61
C ASN B 160 18.58 -12.13 10.46
N MET B 161 17.29 -12.46 10.55
CA MET B 161 16.89 -13.61 11.33
C MET B 161 17.25 -14.89 10.60
N HIS B 162 17.12 -14.90 9.27
CA HIS B 162 17.55 -16.05 8.47
C HIS B 162 19.07 -16.20 8.57
N GLN B 163 19.78 -15.07 8.62
CA GLN B 163 21.23 -15.06 8.79
C GLN B 163 21.64 -15.69 10.12
N MET B 164 20.93 -15.32 11.20
CA MET B 164 21.20 -15.92 12.52
C MET B 164 20.86 -17.40 12.59
N LEU B 165 19.91 -17.83 11.78
CA LEU B 165 19.56 -19.25 11.70
C LEU B 165 20.69 -20.05 11.04
N ASP B 166 21.26 -19.52 9.94
CA ASP B 166 22.43 -20.13 9.29
C ASP B 166 23.59 -20.26 10.27
N GLN B 167 23.90 -19.16 10.95
CA GLN B 167 24.97 -19.11 11.95
C GLN B 167 24.78 -20.10 13.09
N THR B 168 23.56 -20.18 13.61
CA THR B 168 23.21 -21.13 14.68
C THR B 168 23.50 -22.56 14.22
N LEU B 169 23.15 -22.86 12.97
CA LEU B 169 23.37 -24.18 12.39
C LEU B 169 24.86 -24.52 12.33
N LEU B 170 25.66 -23.53 11.94
CA LEU B 170 27.11 -23.67 11.92
C LEU B 170 27.68 -23.96 13.31
N GLU B 171 27.22 -23.22 14.31
CA GLU B 171 27.67 -23.41 15.68
C GLU B 171 27.18 -24.71 16.29
N LEU B 172 26.06 -25.23 15.78
CA LEU B 172 25.56 -26.54 16.21
C LEU B 172 26.41 -27.69 15.66
N ASN B 173 27.01 -27.47 14.49
CA ASN B 173 27.84 -28.48 13.84
C ASN B 173 29.26 -28.55 14.39
N ASN B 174 29.74 -27.43 14.94
CA ASN B 174 31.09 -27.34 15.50
C ASN B 174 31.12 -27.50 17.02
N GLY C 1 16.49 -15.81 18.88
CA GLY C 1 17.53 -14.83 19.34
C GLY C 1 18.12 -15.27 20.67
N ALA C 2 17.42 -14.94 21.75
CA ALA C 2 17.58 -15.63 23.03
C ALA C 2 17.11 -17.08 22.87
N SER C 3 16.08 -17.27 22.04
CA SER C 3 15.55 -18.58 21.72
C SER C 3 16.65 -19.42 21.06
N MET C 4 17.37 -18.82 20.12
CA MET C 4 18.50 -19.50 19.47
C MET C 4 19.57 -19.91 20.48
N ASP C 5 19.90 -19.01 21.41
CA ASP C 5 20.86 -19.30 22.47
C ASP C 5 20.37 -20.44 23.36
N ALA C 6 19.09 -20.41 23.72
CA ALA C 6 18.52 -21.46 24.57
C ALA C 6 18.55 -22.82 23.87
N ILE C 7 18.31 -22.81 22.56
CA ILE C 7 18.30 -24.03 21.74
C ILE C 7 19.69 -24.65 21.65
N LYS C 8 20.69 -23.81 21.32
CA LYS C 8 22.09 -24.24 21.27
C LYS C 8 22.55 -24.90 22.56
N LYS C 9 22.24 -24.23 23.68
CA LYS C 9 22.58 -24.74 25.00
C LYS C 9 21.96 -26.11 25.25
N LYS C 10 20.66 -26.24 24.99
CA LYS C 10 19.97 -27.51 25.21
C LYS C 10 20.52 -28.61 24.29
N MET C 11 20.86 -28.25 23.05
CA MET C 11 21.41 -29.24 22.13
C MET C 11 22.81 -29.68 22.57
N GLN C 12 23.61 -28.73 23.05
CA GLN C 12 24.91 -29.04 23.63
C GLN C 12 24.76 -30.03 24.80
N MET C 13 23.82 -29.75 25.70
CA MET C 13 23.53 -30.65 26.83
C MET C 13 23.07 -32.05 26.41
N LEU C 14 22.32 -32.14 25.31
CA LEU C 14 21.85 -33.44 24.83
C LEU C 14 22.97 -34.26 24.20
N LYS C 15 23.93 -33.56 23.61
CA LYS C 15 25.13 -34.21 23.13
C LYS C 15 25.91 -34.77 24.33
N LEU C 16 26.04 -33.96 25.39
CA LEU C 16 26.69 -34.38 26.63
C LEU C 16 26.00 -35.59 27.27
N ASP C 17 24.66 -35.56 27.31
CA ASP C 17 23.87 -36.67 27.87
C ASP C 17 24.20 -37.97 27.16
N LYS C 18 24.29 -37.91 25.84
CA LYS C 18 24.65 -39.06 25.01
C LYS C 18 26.05 -39.56 25.36
N GLU C 19 27.01 -38.64 25.44
CA GLU C 19 28.40 -38.96 25.78
C GLU C 19 28.48 -39.67 27.13
N ASN C 20 27.75 -39.15 28.12
CA ASN C 20 27.77 -39.71 29.47
C ASN C 20 27.11 -41.08 29.51
N ALA C 21 26.14 -41.29 28.63
CA ALA C 21 25.46 -42.57 28.55
C ALA C 21 26.37 -43.63 27.94
N LEU C 22 27.12 -43.25 26.91
CA LEU C 22 28.09 -44.15 26.29
C LEU C 22 29.26 -44.49 27.25
N ASP C 23 29.73 -43.50 28.00
CA ASP C 23 30.75 -43.72 29.03
C ASP C 23 30.27 -44.74 30.05
N ARG C 24 29.08 -44.50 30.61
CA ARG C 24 28.39 -45.47 31.46
C ARG C 24 28.38 -46.85 30.81
N ALA C 25 27.96 -46.90 29.54
CA ALA C 25 27.88 -48.15 28.78
C ALA C 25 29.22 -48.88 28.71
N GLU C 26 30.29 -48.16 28.37
CA GLU C 26 31.62 -48.77 28.27
C GLU C 26 32.09 -49.32 29.62
N GLN C 27 31.78 -48.60 30.70
CA GLN C 27 32.16 -49.03 32.04
C GLN C 27 31.41 -50.29 32.49
N ALA C 28 30.08 -50.28 32.30
CA ALA C 28 29.28 -51.44 32.67
C ALA C 28 29.67 -52.67 31.85
N GLU C 29 29.97 -52.46 30.56
CA GLU C 29 30.43 -53.54 29.67
C GLU C 29 31.78 -54.13 30.08
N ALA C 30 32.70 -53.27 30.50
CA ALA C 30 34.02 -53.71 30.97
C ALA C 30 33.91 -54.55 32.24
N ASP C 31 32.98 -54.16 33.12
CA ASP C 31 32.69 -54.88 34.34
C ASP C 31 32.01 -56.22 34.03
N LYS C 32 31.11 -56.22 33.05
CA LYS C 32 30.43 -57.42 32.58
C LYS C 32 31.44 -58.48 32.12
N ASP C 33 32.37 -58.07 31.26
CA ASP C 33 33.44 -58.93 30.75
C ASP C 33 34.37 -59.42 31.88
N PHE C 34 34.58 -58.57 32.88
CA PHE C 34 35.38 -58.93 34.04
C PHE C 34 34.69 -60.03 34.86
N TYR C 35 33.40 -59.86 35.11
CA TYR C 35 32.62 -60.89 35.82
C TYR C 35 32.47 -62.14 34.98
N PHE C 36 32.44 -61.97 33.65
CA PHE C 36 32.34 -63.10 32.72
C PHE C 36 33.61 -63.94 32.71
N GLY C 37 34.77 -63.28 32.71
CA GLY C 37 36.06 -63.97 32.78
C GLY C 37 36.28 -64.63 34.13
N LYS C 38 35.82 -63.95 35.18
CA LYS C 38 35.90 -64.46 36.55
C LYS C 38 34.89 -65.59 36.78
N LEU C 39 33.73 -65.50 36.15
CA LEU C 39 32.69 -66.52 36.25
C LEU C 39 33.07 -67.79 35.48
N ARG C 40 33.75 -67.61 34.36
CA ARG C 40 34.13 -68.73 33.49
C ARG C 40 35.29 -69.55 34.05
N ASN C 41 36.28 -68.86 34.62
CA ASN C 41 37.43 -69.52 35.25
C ASN C 41 37.19 -69.83 36.71
N GLY D 1 12.91 -22.76 5.80
CA GLY D 1 13.58 -23.40 4.63
C GLY D 1 14.71 -24.31 5.08
N ALA D 2 15.80 -24.29 4.32
CA ALA D 2 16.96 -25.15 4.55
C ALA D 2 17.51 -25.12 5.98
N SER D 3 17.72 -23.92 6.52
CA SER D 3 18.29 -23.77 7.85
C SER D 3 17.38 -24.36 8.93
N MET D 4 16.10 -24.00 8.88
CA MET D 4 15.14 -24.48 9.86
C MET D 4 14.97 -26.00 9.80
N ASP D 5 14.93 -26.54 8.60
CA ASP D 5 14.86 -27.98 8.35
C ASP D 5 16.08 -28.70 8.90
N ALA D 6 17.26 -28.08 8.78
CA ALA D 6 18.47 -28.69 9.27
C ALA D 6 18.52 -28.68 10.79
N ILE D 7 17.92 -27.66 11.40
CA ILE D 7 17.85 -27.60 12.87
C ILE D 7 16.91 -28.69 13.41
N LYS D 8 15.77 -28.85 12.74
CA LYS D 8 14.79 -29.91 13.07
C LYS D 8 15.45 -31.29 12.93
N LYS D 9 16.17 -31.48 11.83
CA LYS D 9 16.89 -32.71 11.55
C LYS D 9 17.91 -33.02 12.67
N LYS D 10 18.73 -32.03 12.99
CA LYS D 10 19.67 -32.11 14.10
C LYS D 10 19.00 -32.51 15.42
N MET D 11 17.88 -31.87 15.73
CA MET D 11 17.12 -32.23 16.92
C MET D 11 16.69 -33.71 16.93
N GLN D 12 16.26 -34.22 15.77
CA GLN D 12 15.80 -35.60 15.68
C GLN D 12 16.95 -36.59 15.79
N MET D 13 18.11 -36.18 15.28
CA MET D 13 19.32 -36.99 15.34
C MET D 13 19.79 -37.11 16.78
N LEU D 14 19.85 -35.97 17.47
CA LEU D 14 20.21 -35.92 18.89
C LEU D 14 19.29 -36.74 19.76
N LYS D 15 17.98 -36.62 19.53
CA LYS D 15 16.99 -37.33 20.32
C LYS D 15 17.24 -38.84 20.23
N LEU D 16 17.39 -39.36 19.00
CA LEU D 16 17.58 -40.78 18.79
C LEU D 16 18.96 -41.25 19.28
N ASP D 17 19.99 -40.42 19.08
CA ASP D 17 21.34 -40.77 19.54
C ASP D 17 21.40 -40.86 21.06
N LYS D 18 20.72 -39.94 21.75
CA LYS D 18 20.63 -39.99 23.21
C LYS D 18 19.83 -41.22 23.66
N GLU D 19 18.65 -41.44 23.07
CA GLU D 19 17.81 -42.59 23.44
C GLU D 19 18.54 -43.93 23.24
N ASN D 20 19.22 -44.07 22.10
CA ASN D 20 19.97 -45.28 21.78
C ASN D 20 21.13 -45.50 22.74
N ALA D 21 21.85 -44.42 23.05
CA ALA D 21 22.95 -44.50 24.01
C ALA D 21 22.45 -44.90 25.40
N LEU D 22 21.35 -44.28 25.84
CA LEU D 22 20.74 -44.68 27.13
C LEU D 22 20.26 -46.12 27.11
N ASP D 23 19.80 -46.57 25.94
CA ASP D 23 19.35 -47.96 25.76
C ASP D 23 20.52 -48.92 25.97
N ARG D 24 21.67 -48.56 25.39
CA ARG D 24 22.89 -49.35 25.51
C ARG D 24 23.37 -49.40 26.97
N ALA D 25 23.45 -48.24 27.62
CA ALA D 25 23.88 -48.13 29.02
C ALA D 25 23.00 -49.00 29.93
N GLU D 26 21.70 -49.03 29.68
CA GLU D 26 20.76 -49.81 30.46
C GLU D 26 20.90 -51.30 30.24
N GLN D 27 21.14 -51.70 29.00
CA GLN D 27 21.33 -53.10 28.66
C GLN D 27 22.64 -53.63 29.26
N ALA D 28 23.70 -52.82 29.19
CA ALA D 28 25.00 -53.21 29.72
C ALA D 28 24.95 -53.39 31.25
N GLU D 29 24.28 -52.46 31.93
CA GLU D 29 24.14 -52.51 33.38
C GLU D 29 23.27 -53.69 33.86
N ALA D 30 22.26 -54.03 33.07
CA ALA D 30 21.39 -55.17 33.38
C ALA D 30 22.18 -56.47 33.30
N ASP D 31 22.90 -56.64 32.22
CA ASP D 31 23.69 -57.80 32.04
C ASP D 31 24.74 -57.86 33.11
N LYS D 32 25.39 -56.74 33.39
CA LYS D 32 26.47 -56.78 34.34
C LYS D 32 25.91 -57.20 35.66
N ASP D 33 24.75 -56.69 35.99
CA ASP D 33 24.11 -57.05 37.23
C ASP D 33 23.79 -58.52 37.24
N PHE D 34 23.33 -59.04 36.11
CA PHE D 34 22.92 -60.41 36.00
C PHE D 34 24.06 -61.35 36.27
N TYR D 35 25.21 -61.02 35.74
CA TYR D 35 26.45 -61.78 36.01
C TYR D 35 26.92 -61.58 37.46
N PHE D 36 26.75 -60.35 37.97
CA PHE D 36 27.11 -60.03 39.36
C PHE D 36 26.22 -60.76 40.36
N GLY D 37 24.94 -60.93 40.01
CA GLY D 37 23.98 -61.66 40.85
C GLY D 37 24.27 -63.14 40.94
N LYS D 38 25.07 -63.63 40.00
CA LYS D 38 25.51 -65.03 39.97
C LYS D 38 26.73 -65.24 40.85
N LEU D 39 27.70 -64.32 40.76
CA LEU D 39 28.91 -64.41 41.58
C LEU D 39 28.63 -64.15 43.07
N ARG D 40 27.69 -63.23 43.34
CA ARG D 40 27.24 -62.97 44.71
C ARG D 40 26.40 -64.13 45.25
N ASN D 41 25.95 -64.99 44.34
CA ASN D 41 25.17 -66.17 44.68
C ASN D 41 26.06 -67.41 44.82
N ILE D 42 27.08 -67.50 43.97
CA ILE D 42 28.03 -68.61 44.01
C ILE D 42 28.97 -68.51 45.20
N GLU D 43 29.41 -67.29 45.52
CA GLU D 43 30.24 -67.03 46.71
C GLU D 43 29.43 -67.16 48.00
N LEU D 44 28.10 -66.99 47.89
CA LEU D 44 27.19 -67.21 49.02
C LEU D 44 27.09 -68.70 49.33
N ILE D 45 27.14 -69.52 48.29
CA ILE D 45 27.10 -70.97 48.44
C ILE D 45 28.39 -71.54 49.05
N CYS D 46 29.52 -70.91 48.71
CA CYS D 46 30.83 -71.33 49.20
C CYS D 46 31.03 -71.08 50.69
N GLN D 47 30.44 -69.99 51.19
CA GLN D 47 30.59 -69.57 52.59
C GLN D 47 30.02 -70.60 53.57
N GLU D 48 30.90 -71.13 54.43
CA GLU D 48 30.57 -72.15 55.44
C GLU D 48 29.89 -73.38 54.84
C1 EDO E . 14.97 -47.97 18.46
O1 EDO E . 16.29 -47.49 18.15
C2 EDO E . 14.87 -49.49 18.37
O2 EDO E . 16.04 -50.11 18.94
S SO4 F . 15.72 -20.81 6.43
O1 SO4 F . 14.69 -20.19 5.62
O2 SO4 F . 16.79 -21.28 5.55
O3 SO4 F . 15.15 -21.93 7.17
O4 SO4 F . 16.26 -19.85 7.39
#